data_6ZFG
#
_entry.id   6ZFG
#
_cell.length_a   73.230
_cell.length_b   76.100
_cell.length_c   88.950
_cell.angle_alpha   90.000
_cell.angle_beta   90.000
_cell.angle_gamma   90.000
#
_symmetry.space_group_name_H-M   'P 21 21 21'
#
loop_
_entity.id
_entity.type
_entity.pdbx_description
1 polymer '14-3-3 protein zeta/delta,Protein E6'
2 non-polymer GLYCEROL
3 non-polymer FUSICOCCIN
4 water water
#
_entity_poly.entity_id   1
_entity_poly.type   'polypeptide(L)'
_entity_poly.pdbx_seq_one_letter_code
;GPHMDKNELVQKAKLAEQAERYDDMAACMKSVTEQGAELSNEERNLLSVAYKNVVGARRSAWRVVSSIEQKTEGAAAAQQ
MAREYREKIETELRDICNDVLSLLEKFLIPNASQAESKVFYLKMKGDYYRYLAEVAAGDDKKGIVDQSQQAYQEAFEISA
AAMQPTHPIRLGLALNFSVFYYEILNSPEKACSLAKTAFDEAIAELDTLSEESYKDSTLIMQLLRDNLTLWTGGGGRRRE
(TPO)QV
;
_entity_poly.pdbx_strand_id   A,B
#
loop_
_chem_comp.id
_chem_comp.type
_chem_comp.name
_chem_comp.formula
FSC non-polymer FUSICOCCIN 'C36 H56 O12'
GOL non-polymer GLYCEROL 'C3 H8 O3'
#
# COMPACT_ATOMS: atom_id res chain seq x y z
N MET A 4 24.21 -4.70 13.84
CA MET A 4 23.01 -3.98 14.20
C MET A 4 22.73 -4.11 15.70
N ASP A 5 22.77 -2.98 16.41
CA ASP A 5 22.46 -2.95 17.82
C ASP A 5 20.97 -2.61 18.02
N LYS A 6 20.51 -2.79 19.25
CA LYS A 6 19.07 -2.66 19.54
C LYS A 6 18.55 -1.29 19.11
N ASN A 7 19.23 -0.22 19.53
CA ASN A 7 18.70 1.12 19.28
C ASN A 7 18.76 1.49 17.80
N GLU A 8 19.74 0.97 17.07
CA GLU A 8 19.74 1.18 15.62
C GLU A 8 18.56 0.49 14.96
N LEU A 9 18.25 -0.74 15.40
CA LEU A 9 17.12 -1.46 14.82
C LEU A 9 15.81 -0.71 15.03
N VAL A 10 15.61 -0.16 16.23
CA VAL A 10 14.39 0.58 16.51
C VAL A 10 14.31 1.84 15.66
N GLN A 11 15.44 2.51 15.47
CA GLN A 11 15.45 3.72 14.66
C GLN A 11 15.17 3.41 13.19
N LYS A 12 15.71 2.30 12.67
CA LYS A 12 15.37 1.92 11.31
C LYS A 12 13.92 1.46 11.21
N ALA A 13 13.39 0.85 12.26
CA ALA A 13 11.96 0.50 12.25
C ALA A 13 11.09 1.75 12.12
N LYS A 14 11.43 2.81 12.86
CA LYS A 14 10.67 4.05 12.74
C LYS A 14 10.83 4.66 11.35
N LEU A 15 12.03 4.55 10.78
CA LEU A 15 12.26 5.01 9.42
C LEU A 15 11.38 4.26 8.42
N ALA A 16 11.34 2.93 8.53
CA ALA A 16 10.49 2.13 7.66
C ALA A 16 9.02 2.46 7.86
N GLU A 17 8.62 2.78 9.09
CA GLU A 17 7.23 3.14 9.33
C GLU A 17 6.85 4.39 8.56
N GLN A 18 7.69 5.42 8.63
N GLN A 18 7.69 5.42 8.62
CA GLN A 18 7.42 6.65 7.89
CA GLN A 18 7.41 6.65 7.88
C GLN A 18 7.39 6.41 6.39
C GLN A 18 7.42 6.43 6.39
N ALA A 19 8.25 5.52 5.90
CA ALA A 19 8.30 5.16 4.49
C ALA A 19 7.22 4.16 4.10
N GLU A 20 6.44 3.68 5.07
CA GLU A 20 5.39 2.69 4.84
C GLU A 20 5.96 1.39 4.26
N ARG A 21 7.18 1.05 4.66
CA ARG A 21 7.79 -0.22 4.29
C ARG A 21 7.65 -1.16 5.48
N TYR A 22 6.46 -1.75 5.61
CA TYR A 22 6.11 -2.46 6.82
C TYR A 22 6.80 -3.81 6.94
N ASP A 23 7.11 -4.45 5.81
CA ASP A 23 7.96 -5.64 5.86
C ASP A 23 9.29 -5.33 6.55
N ASP A 24 9.95 -4.24 6.14
CA ASP A 24 11.19 -3.82 6.79
C ASP A 24 10.95 -3.51 8.26
N MET A 25 9.86 -2.80 8.55
CA MET A 25 9.54 -2.44 9.94
C MET A 25 9.35 -3.69 10.80
N ALA A 26 8.60 -4.66 10.28
CA ALA A 26 8.40 -5.92 11.02
C ALA A 26 9.72 -6.66 11.21
N ALA A 27 10.56 -6.68 10.17
CA ALA A 27 11.83 -7.38 10.30
C ALA A 27 12.72 -6.74 11.36
N CYS A 28 12.70 -5.41 11.44
CA CYS A 28 13.51 -4.72 12.44
C CYS A 28 13.04 -5.05 13.85
N MET A 29 11.73 -4.99 14.08
CA MET A 29 11.19 -5.24 15.41
C MET A 29 11.23 -6.71 15.78
N LYS A 30 11.19 -7.61 14.81
CA LYS A 30 11.39 -9.01 15.11
C LYS A 30 12.81 -9.26 15.59
N SER A 31 13.79 -8.62 14.96
CA SER A 31 15.18 -8.76 15.40
C SER A 31 15.37 -8.19 16.81
N VAL A 32 14.74 -7.06 17.12
CA VAL A 32 14.80 -6.51 18.47
C VAL A 32 14.21 -7.50 19.46
N THR A 33 13.03 -8.05 19.13
CA THR A 33 12.39 -9.02 20.02
C THR A 33 13.27 -10.22 20.27
N GLU A 34 13.96 -10.71 19.23
CA GLU A 34 14.78 -11.91 19.36
C GLU A 34 16.05 -11.68 20.17
N GLN A 35 16.38 -10.43 20.49
CA GLN A 35 17.50 -10.20 21.41
C GLN A 35 17.16 -10.63 22.83
N GLY A 36 15.87 -10.85 23.13
CA GLY A 36 15.48 -11.47 24.37
C GLY A 36 15.18 -10.54 25.51
N ALA A 37 15.35 -9.23 25.33
CA ALA A 37 15.04 -8.29 26.40
C ALA A 37 13.60 -7.82 26.30
N GLU A 38 13.07 -7.38 27.42
CA GLU A 38 11.69 -6.89 27.46
C GLU A 38 11.56 -5.63 26.62
N LEU A 39 10.49 -5.55 25.84
CA LEU A 39 10.28 -4.41 24.98
C LEU A 39 9.68 -3.23 25.74
N SER A 40 10.12 -2.03 25.40
CA SER A 40 9.48 -0.83 25.91
C SER A 40 8.08 -0.70 25.31
N ASN A 41 7.28 0.19 25.91
CA ASN A 41 5.95 0.44 25.35
C ASN A 41 6.05 0.91 23.90
N GLU A 42 7.04 1.75 23.59
CA GLU A 42 7.22 2.23 22.22
C GLU A 42 7.59 1.09 21.28
N GLU A 43 8.58 0.27 21.67
CA GLU A 43 8.99 -0.85 20.82
C GLU A 43 7.84 -1.85 20.65
N ARG A 44 7.08 -2.06 21.73
CA ARG A 44 5.92 -2.94 21.67
C ARG A 44 4.91 -2.44 20.63
N ASN A 45 4.62 -1.13 20.64
CA ASN A 45 3.68 -0.57 19.68
C ASN A 45 4.24 -0.63 18.26
N LEU A 46 5.54 -0.40 18.10
CA LEU A 46 6.15 -0.51 16.77
C LEU A 46 6.01 -1.91 16.20
N LEU A 47 6.26 -2.92 17.03
N LEU A 47 6.25 -2.94 17.01
CA LEU A 47 6.15 -4.31 16.58
CA LEU A 47 6.10 -4.30 16.50
C LEU A 47 4.71 -4.63 16.17
C LEU A 47 4.65 -4.59 16.13
N SER A 48 3.74 -4.20 16.98
N SER A 48 3.71 -4.20 16.99
CA SER A 48 2.34 -4.51 16.69
CA SER A 48 2.30 -4.47 16.73
C SER A 48 1.87 -3.80 15.42
C SER A 48 1.84 -3.79 15.45
N VAL A 49 2.21 -2.53 15.27
CA VAL A 49 1.78 -1.78 14.08
C VAL A 49 2.40 -2.38 12.83
N ALA A 50 3.66 -2.81 12.92
CA ALA A 50 4.32 -3.44 11.78
C ALA A 50 3.56 -4.68 11.32
N TYR A 51 3.32 -5.63 12.24
CA TYR A 51 2.66 -6.85 11.84
C TYR A 51 1.17 -6.66 11.56
N LYS A 52 0.55 -5.63 12.14
CA LYS A 52 -0.81 -5.28 11.75
C LYS A 52 -0.89 -4.98 10.26
N ASN A 53 0.06 -4.20 9.75
CA ASN A 53 0.04 -3.84 8.34
C ASN A 53 0.46 -5.01 7.46
N VAL A 54 1.43 -5.80 7.92
CA VAL A 54 1.90 -6.95 7.13
C VAL A 54 0.77 -7.97 6.97
N VAL A 55 0.12 -8.33 8.07
CA VAL A 55 -0.96 -9.32 7.97
C VAL A 55 -2.21 -8.69 7.37
N GLY A 56 -2.44 -7.40 7.61
CA GLY A 56 -3.64 -6.75 7.09
C GLY A 56 -3.71 -6.76 5.59
N ALA A 57 -2.56 -6.66 4.92
CA ALA A 57 -2.54 -6.73 3.46
C ALA A 57 -3.02 -8.08 2.97
N ARG A 58 -2.63 -9.17 3.65
CA ARG A 58 -3.06 -10.49 3.23
C ARG A 58 -4.54 -10.71 3.51
N ARG A 59 -5.02 -10.26 4.68
CA ARG A 59 -6.43 -10.41 5.02
C ARG A 59 -7.32 -9.64 4.04
N SER A 60 -6.93 -8.40 3.71
CA SER A 60 -7.68 -7.63 2.73
C SER A 60 -7.70 -8.35 1.38
N ALA A 61 -6.54 -8.81 0.93
CA ALA A 61 -6.48 -9.52 -0.35
C ALA A 61 -7.21 -10.84 -0.29
N TRP A 62 -7.19 -11.51 0.87
CA TRP A 62 -7.92 -12.77 1.02
C TRP A 62 -9.41 -12.56 0.82
N ARG A 63 -9.97 -11.48 1.38
CA ARG A 63 -11.40 -11.23 1.25
C ARG A 63 -11.77 -10.86 -0.18
N VAL A 64 -10.91 -10.10 -0.87
CA VAL A 64 -11.18 -9.75 -2.26
C VAL A 64 -11.22 -11.01 -3.12
N VAL A 65 -10.21 -11.87 -2.98
CA VAL A 65 -10.11 -13.05 -3.84
C VAL A 65 -11.18 -14.07 -3.46
N SER A 66 -11.47 -14.21 -2.16
N SER A 66 -11.48 -14.20 -2.17
CA SER A 66 -12.55 -15.11 -1.76
CA SER A 66 -12.55 -15.10 -1.74
C SER A 66 -13.87 -14.70 -2.39
C SER A 66 -13.89 -14.71 -2.36
N SER A 67 -14.16 -13.40 -2.42
CA SER A 67 -15.40 -12.94 -3.02
C SER A 67 -15.46 -13.25 -4.51
N ILE A 68 -14.37 -12.97 -5.23
CA ILE A 68 -14.31 -13.29 -6.66
C ILE A 68 -14.52 -14.79 -6.86
N GLU A 69 -13.84 -15.60 -6.06
CA GLU A 69 -13.97 -17.05 -6.16
C GLU A 69 -15.41 -17.50 -5.94
N GLN A 70 -16.09 -16.91 -4.94
CA GLN A 70 -17.47 -17.32 -4.66
C GLN A 70 -18.44 -16.88 -5.75
N LYS A 71 -18.15 -15.77 -6.43
CA LYS A 71 -19.02 -15.26 -7.47
C LYS A 71 -18.77 -15.89 -8.83
N THR A 72 -17.81 -16.80 -8.93
CA THR A 72 -17.42 -17.41 -10.20
C THR A 72 -18.13 -18.77 -10.32
N GLU A 73 -19.40 -18.72 -10.69
CA GLU A 73 -20.20 -19.91 -10.92
C GLU A 73 -20.24 -20.22 -12.41
N GLY A 74 -20.26 -21.51 -12.74
CA GLY A 74 -20.25 -22.03 -14.11
C GLY A 74 -18.96 -21.75 -14.87
N ALA A 75 -17.89 -21.43 -14.18
CA ALA A 75 -16.59 -21.24 -14.82
C ALA A 75 -15.59 -22.00 -13.96
N ALA A 76 -15.56 -23.33 -14.13
CA ALA A 76 -14.78 -24.17 -13.24
C ALA A 76 -13.30 -23.82 -13.28
N ALA A 77 -12.77 -23.59 -14.47
CA ALA A 77 -11.34 -23.25 -14.59
C ALA A 77 -11.03 -21.93 -13.89
N ALA A 78 -11.85 -20.90 -14.14
CA ALA A 78 -11.63 -19.61 -13.50
C ALA A 78 -11.81 -19.70 -11.99
N GLN A 79 -12.77 -20.49 -11.52
CA GLN A 79 -12.98 -20.60 -10.08
C GLN A 79 -11.81 -21.32 -9.41
N GLN A 80 -11.29 -22.38 -10.05
CA GLN A 80 -10.11 -23.04 -9.51
C GLN A 80 -8.92 -22.10 -9.46
N MET A 81 -8.73 -21.29 -10.52
CA MET A 81 -7.64 -20.33 -10.51
C MET A 81 -7.79 -19.34 -9.35
N ALA A 82 -9.02 -18.87 -9.12
CA ALA A 82 -9.26 -17.96 -8.01
C ALA A 82 -9.01 -18.63 -6.67
N ARG A 83 -9.48 -19.88 -6.51
CA ARG A 83 -9.27 -20.60 -5.26
C ARG A 83 -7.78 -20.80 -4.99
N GLU A 84 -7.03 -21.23 -6.01
CA GLU A 84 -5.61 -21.49 -5.79
C GLU A 84 -4.86 -20.20 -5.46
N TYR A 85 -5.28 -19.07 -6.05
CA TYR A 85 -4.70 -17.80 -5.66
C TYR A 85 -5.07 -17.42 -4.23
N ARG A 86 -6.32 -17.67 -3.82
CA ARG A 86 -6.69 -17.47 -2.42
C ARG A 86 -5.84 -18.35 -1.51
N GLU A 87 -5.66 -19.62 -1.89
CA GLU A 87 -4.86 -20.53 -1.07
C GLU A 87 -3.42 -20.04 -0.96
N LYS A 88 -2.89 -19.46 -2.04
CA LYS A 88 -1.55 -18.85 -1.99
C LYS A 88 -1.51 -17.71 -0.97
N ILE A 89 -2.53 -16.85 -0.99
CA ILE A 89 -2.61 -15.76 -0.02
C ILE A 89 -2.77 -16.32 1.38
N GLU A 90 -3.59 -17.37 1.54
CA GLU A 90 -3.77 -18.00 2.84
C GLU A 90 -2.44 -18.48 3.42
N THR A 91 -1.59 -19.07 2.58
CA THR A 91 -0.32 -19.58 3.07
C THR A 91 0.57 -18.46 3.59
N GLU A 92 0.67 -17.35 2.83
CA GLU A 92 1.35 -16.18 3.33
C GLU A 92 0.75 -15.71 4.65
N LEU A 93 -0.59 -15.70 4.74
CA LEU A 93 -1.26 -15.24 5.95
C LEU A 93 -0.93 -16.12 7.14
N ARG A 94 -0.93 -17.44 6.95
CA ARG A 94 -0.62 -18.35 8.05
C ARG A 94 0.83 -18.21 8.50
N ASP A 95 1.75 -18.04 7.55
CA ASP A 95 3.16 -17.89 7.92
C ASP A 95 3.37 -16.65 8.78
N ILE A 96 2.68 -15.55 8.44
CA ILE A 96 2.78 -14.33 9.22
C ILE A 96 2.25 -14.55 10.63
N CYS A 97 1.04 -15.10 10.73
CA CYS A 97 0.45 -15.36 12.05
C CYS A 97 1.31 -16.30 12.88
N ASN A 98 1.83 -17.36 12.26
CA ASN A 98 2.71 -18.27 12.99
C ASN A 98 3.98 -17.57 13.45
N ASP A 99 4.52 -16.68 12.60
CA ASP A 99 5.68 -15.88 12.97
C ASP A 99 5.40 -15.06 14.22
N VAL A 100 4.29 -14.33 14.22
CA VAL A 100 3.89 -13.52 15.37
C VAL A 100 3.64 -14.41 16.59
N LEU A 101 2.89 -15.49 16.41
CA LEU A 101 2.54 -16.33 17.55
C LEU A 101 3.77 -16.96 18.17
N SER A 102 4.78 -17.29 17.34
N SER A 102 4.77 -17.29 17.33
CA SER A 102 6.02 -17.83 17.88
CA SER A 102 6.02 -17.82 17.86
C SER A 102 6.78 -16.78 18.68
C SER A 102 6.77 -16.78 18.67
N LEU A 103 6.76 -15.53 18.23
CA LEU A 103 7.42 -14.46 18.99
C LEU A 103 6.71 -14.22 20.31
N LEU A 104 5.39 -14.31 20.31
CA LEU A 104 4.62 -14.14 21.54
C LEU A 104 4.92 -15.24 22.54
N GLU A 105 4.99 -16.49 22.06
CA GLU A 105 5.17 -17.62 22.96
C GLU A 105 6.61 -17.75 23.44
N LYS A 106 7.59 -17.37 22.61
N LYS A 106 7.58 -17.37 22.60
CA LYS A 106 8.98 -17.55 22.99
CA LYS A 106 8.99 -17.54 22.94
C LYS A 106 9.56 -16.37 23.76
C LYS A 106 9.55 -16.38 23.75
N PHE A 107 9.16 -15.14 23.44
CA PHE A 107 9.77 -13.96 24.04
C PHE A 107 8.76 -13.08 24.77
N LEU A 108 7.70 -12.64 24.11
CA LEU A 108 6.93 -11.50 24.62
C LEU A 108 6.13 -11.87 25.86
N ILE A 109 5.31 -12.93 25.77
CA ILE A 109 4.53 -13.36 26.92
C ILE A 109 5.43 -13.76 28.10
N PRO A 110 6.43 -14.61 27.94
CA PRO A 110 7.22 -15.02 29.13
C PRO A 110 7.99 -13.88 29.79
N ASN A 111 8.37 -12.85 29.03
CA ASN A 111 9.16 -11.75 29.57
C ASN A 111 8.31 -10.59 30.09
N ALA A 112 7.00 -10.60 29.81
CA ALA A 112 6.11 -9.53 30.23
C ALA A 112 6.11 -9.38 31.75
N SER A 113 6.63 -8.26 32.26
N SER A 113 6.66 -8.26 32.24
CA SER A 113 6.81 -8.13 33.69
CA SER A 113 6.84 -8.06 33.67
C SER A 113 5.59 -7.58 34.41
C SER A 113 5.55 -7.64 34.36
N GLN A 114 4.80 -6.73 33.77
CA GLN A 114 3.65 -6.10 34.41
C GLN A 114 2.36 -6.39 33.66
N ALA A 115 1.25 -6.16 34.35
CA ALA A 115 -0.06 -6.58 33.86
C ALA A 115 -0.36 -5.99 32.49
N GLU A 116 -0.10 -4.69 32.31
CA GLU A 116 -0.43 -4.05 31.03
C GLU A 116 0.25 -4.76 29.87
N SER A 117 1.53 -5.11 30.03
CA SER A 117 2.24 -5.85 28.98
C SER A 117 1.64 -7.24 28.77
N LYS A 118 1.35 -7.95 29.87
CA LYS A 118 0.75 -9.27 29.74
C LYS A 118 -0.55 -9.21 28.95
N VAL A 119 -1.39 -8.22 29.23
CA VAL A 119 -2.67 -8.08 28.53
C VAL A 119 -2.43 -7.76 27.06
N PHE A 120 -1.52 -6.84 26.77
CA PHE A 120 -1.17 -6.50 25.39
C PHE A 120 -0.83 -7.76 24.60
N TYR A 121 0.11 -8.56 25.12
CA TYR A 121 0.59 -9.71 24.38
C TYR A 121 -0.43 -10.84 24.34
N LEU A 122 -1.20 -11.02 25.42
CA LEU A 122 -2.25 -12.03 25.38
C LEU A 122 -3.39 -11.63 24.43
N LYS A 123 -3.74 -10.34 24.40
CA LYS A 123 -4.67 -9.87 23.38
C LYS A 123 -4.13 -10.12 21.98
N MET A 124 -2.84 -9.82 21.78
N MET A 124 -2.84 -9.84 21.77
CA MET A 124 -2.20 -10.05 20.49
CA MET A 124 -2.25 -10.07 20.45
C MET A 124 -2.29 -11.52 20.09
C MET A 124 -2.29 -11.54 20.07
N LYS A 125 -2.06 -12.42 21.05
CA LYS A 125 -2.14 -13.85 20.78
C LYS A 125 -3.56 -14.26 20.41
N GLY A 126 -4.56 -13.70 21.10
CA GLY A 126 -5.94 -13.94 20.71
C GLY A 126 -6.25 -13.39 19.33
N ASP A 127 -5.66 -12.23 18.99
CA ASP A 127 -5.93 -11.62 17.69
C ASP A 127 -5.39 -12.47 16.55
N TYR A 128 -4.16 -12.97 16.66
CA TYR A 128 -3.56 -13.66 15.53
C TYR A 128 -4.05 -15.09 15.41
N TYR A 129 -4.47 -15.71 16.52
CA TYR A 129 -5.22 -16.94 16.38
C TYR A 129 -6.59 -16.69 15.77
N ARG A 130 -7.20 -15.54 16.06
CA ARG A 130 -8.46 -15.20 15.41
C ARG A 130 -8.27 -15.05 13.91
N TYR A 131 -7.15 -14.46 13.48
CA TYR A 131 -6.89 -14.32 12.05
C TYR A 131 -6.69 -15.69 11.40
N LEU A 132 -6.04 -16.62 12.11
CA LEU A 132 -5.97 -18.00 11.64
C LEU A 132 -7.36 -18.61 11.54
N ALA A 133 -8.23 -18.33 12.52
CA ALA A 133 -9.57 -18.90 12.49
C ALA A 133 -10.37 -18.37 11.30
N GLU A 134 -10.10 -17.15 10.86
CA GLU A 134 -10.84 -16.57 9.74
C GLU A 134 -10.64 -17.37 8.46
N VAL A 135 -9.48 -18.01 8.30
CA VAL A 135 -9.17 -18.77 7.10
C VAL A 135 -9.07 -20.27 7.39
N ALA A 136 -9.50 -20.70 8.58
CA ALA A 136 -9.45 -22.11 8.92
C ALA A 136 -10.76 -22.79 8.57
N ALA A 137 -10.69 -24.11 8.45
CA ALA A 137 -11.85 -24.95 8.18
C ALA A 137 -11.51 -26.37 8.58
N GLY A 138 -12.50 -27.25 8.49
CA GLY A 138 -12.26 -28.64 8.82
C GLY A 138 -11.98 -28.83 10.30
N ASP A 139 -11.04 -29.72 10.60
CA ASP A 139 -10.81 -30.13 11.99
C ASP A 139 -9.95 -29.13 12.75
N ASP A 140 -9.04 -28.44 12.08
CA ASP A 140 -8.10 -27.60 12.82
C ASP A 140 -8.73 -26.30 13.31
N LYS A 141 -9.92 -25.94 12.84
CA LYS A 141 -10.53 -24.67 13.25
C LYS A 141 -10.91 -24.67 14.73
N LYS A 142 -11.48 -25.77 15.22
CA LYS A 142 -11.91 -25.82 16.61
C LYS A 142 -10.74 -25.56 17.57
N GLY A 143 -9.59 -26.17 17.29
CA GLY A 143 -8.44 -25.93 18.15
C GLY A 143 -7.93 -24.50 18.05
N ILE A 144 -7.94 -23.94 16.84
CA ILE A 144 -7.52 -22.55 16.66
C ILE A 144 -8.46 -21.62 17.42
N VAL A 145 -9.77 -21.88 17.35
CA VAL A 145 -10.74 -21.03 18.04
C VAL A 145 -10.54 -21.10 19.55
N ASP A 146 -10.29 -22.30 20.08
CA ASP A 146 -10.05 -22.42 21.52
C ASP A 146 -8.80 -21.67 21.95
N GLN A 147 -7.72 -21.77 21.16
CA GLN A 147 -6.51 -21.02 21.47
C GLN A 147 -6.78 -19.52 21.52
N SER A 148 -7.57 -19.01 20.56
CA SER A 148 -7.87 -17.58 20.56
C SER A 148 -8.68 -17.20 21.78
N GLN A 149 -9.72 -17.98 22.09
CA GLN A 149 -10.57 -17.65 23.22
C GLN A 149 -9.80 -17.70 24.53
N GLN A 150 -8.93 -18.71 24.70
CA GLN A 150 -8.19 -18.84 25.94
C GLN A 150 -7.21 -17.69 26.14
N ALA A 151 -6.60 -17.21 25.05
CA ALA A 151 -5.71 -16.06 25.17
C ALA A 151 -6.48 -14.79 25.50
N TYR A 152 -7.60 -14.56 24.79
CA TYR A 152 -8.47 -13.44 25.08
C TYR A 152 -8.98 -13.48 26.53
N GLN A 153 -9.37 -14.67 26.99
CA GLN A 153 -9.98 -14.77 28.31
C GLN A 153 -8.99 -14.43 29.41
N GLU A 154 -7.75 -14.94 29.31
CA GLU A 154 -6.75 -14.60 30.33
C GLU A 154 -6.44 -13.11 30.31
N ALA A 155 -6.26 -12.53 29.13
CA ALA A 155 -6.07 -11.08 29.04
C ALA A 155 -7.25 -10.33 29.63
N PHE A 156 -8.45 -10.86 29.43
CA PHE A 156 -9.66 -10.23 29.97
C PHE A 156 -9.67 -10.25 31.49
N GLU A 157 -9.24 -11.36 32.09
CA GLU A 157 -9.25 -11.46 33.54
C GLU A 157 -8.14 -10.61 34.16
N ILE A 158 -6.97 -10.57 33.52
CA ILE A 158 -5.88 -9.76 34.06
C ILE A 158 -6.22 -8.28 33.96
N SER A 159 -6.75 -7.84 32.82
CA SER A 159 -7.08 -6.43 32.64
C SER A 159 -8.23 -6.01 33.55
N ALA A 160 -9.22 -6.88 33.73
CA ALA A 160 -10.31 -6.56 34.64
C ALA A 160 -9.82 -6.37 36.06
N ALA A 161 -8.72 -7.03 36.39
CA ALA A 161 -8.16 -7.01 37.72
C ALA A 161 -7.26 -5.80 37.97
N ALA A 162 -6.38 -5.48 37.02
CA ALA A 162 -5.28 -4.57 37.30
C ALA A 162 -5.24 -3.35 36.39
N MET A 163 -6.27 -3.10 35.59
CA MET A 163 -6.23 -1.99 34.64
C MET A 163 -7.51 -1.18 34.71
N GLN A 164 -7.38 0.12 34.43
CA GLN A 164 -8.52 1.02 34.43
C GLN A 164 -9.41 0.77 33.21
N PRO A 165 -10.72 1.00 33.34
CA PRO A 165 -11.60 0.82 32.18
C PRO A 165 -11.36 1.83 31.07
N THR A 166 -10.66 2.93 31.36
CA THR A 166 -10.31 3.91 30.33
C THR A 166 -9.01 3.60 29.61
N HIS A 167 -8.29 2.57 30.03
CA HIS A 167 -7.00 2.27 29.40
C HIS A 167 -7.25 1.79 27.97
N PRO A 168 -6.51 2.32 26.98
CA PRO A 168 -6.77 1.90 25.59
C PRO A 168 -6.54 0.42 25.36
N ILE A 169 -5.61 -0.20 26.08
CA ILE A 169 -5.37 -1.63 25.91
C ILE A 169 -6.58 -2.44 26.39
N ARG A 170 -7.16 -2.05 27.53
CA ARG A 170 -8.33 -2.76 28.02
C ARG A 170 -9.53 -2.53 27.11
N LEU A 171 -9.70 -1.30 26.62
CA LEU A 171 -10.78 -1.01 25.68
C LEU A 171 -10.58 -1.77 24.37
N GLY A 172 -9.36 -1.76 23.84
CA GLY A 172 -9.08 -2.49 22.62
C GLY A 172 -9.27 -3.99 22.77
N LEU A 173 -8.97 -4.52 23.96
CA LEU A 173 -9.25 -5.93 24.22
C LEU A 173 -10.74 -6.21 24.16
N ALA A 174 -11.54 -5.37 24.82
CA ALA A 174 -12.99 -5.55 24.79
C ALA A 174 -13.52 -5.46 23.36
N LEU A 175 -12.98 -4.52 22.57
CA LEU A 175 -13.40 -4.40 21.18
C LEU A 175 -13.20 -5.69 20.41
N ASN A 176 -12.01 -6.28 20.52
CA ASN A 176 -11.69 -7.44 19.70
C ASN A 176 -12.26 -8.73 20.28
N PHE A 177 -12.29 -8.85 21.60
CA PHE A 177 -12.91 -10.03 22.22
C PHE A 177 -14.40 -10.08 21.91
N SER A 178 -15.08 -8.93 21.94
N SER A 178 -15.07 -8.93 21.95
CA SER A 178 -16.48 -8.90 21.58
CA SER A 178 -16.47 -8.87 21.58
C SER A 178 -16.70 -9.30 20.13
C SER A 178 -16.69 -9.30 20.13
N VAL A 179 -15.85 -8.79 19.22
CA VAL A 179 -15.95 -9.20 17.81
C VAL A 179 -15.69 -10.69 17.67
N PHE A 180 -14.73 -11.21 18.44
CA PHE A 180 -14.50 -12.66 18.45
C PHE A 180 -15.77 -13.41 18.80
N TYR A 181 -16.46 -12.97 19.85
CA TYR A 181 -17.71 -13.63 20.24
C TYR A 181 -18.75 -13.54 19.14
N TYR A 182 -18.93 -12.35 18.56
CA TYR A 182 -19.96 -12.16 17.55
C TYR A 182 -19.66 -12.99 16.31
N GLU A 183 -18.42 -12.94 15.84
CA GLU A 183 -18.03 -13.39 14.50
C GLU A 183 -17.50 -14.80 14.46
N ILE A 184 -16.72 -15.20 15.47
CA ILE A 184 -16.12 -16.54 15.47
C ILE A 184 -16.97 -17.52 16.25
N LEU A 185 -17.48 -17.10 17.41
CA LEU A 185 -18.25 -17.99 18.27
C LEU A 185 -19.76 -17.90 18.03
N ASN A 186 -20.22 -16.98 17.19
CA ASN A 186 -21.64 -16.77 16.93
C ASN A 186 -22.41 -16.58 18.23
N SER A 187 -21.93 -15.66 19.05
N SER A 187 -21.93 -15.65 19.05
CA SER A 187 -22.56 -15.33 20.34
CA SER A 187 -22.55 -15.32 20.34
C SER A 187 -22.80 -13.83 20.38
C SER A 187 -22.80 -13.83 20.38
N PRO A 188 -23.82 -13.34 19.66
CA PRO A 188 -24.02 -11.89 19.57
C PRO A 188 -24.40 -11.24 20.89
N GLU A 189 -25.20 -11.90 21.72
CA GLU A 189 -25.59 -11.27 22.98
C GLU A 189 -24.41 -11.18 23.94
N LYS A 190 -23.57 -12.21 23.95
CA LYS A 190 -22.32 -12.12 24.69
C LYS A 190 -21.44 -11.00 24.15
N ALA A 191 -21.39 -10.88 22.82
CA ALA A 191 -20.57 -9.84 22.19
C ALA A 191 -21.06 -8.46 22.55
N CYS A 192 -22.38 -8.25 22.52
CA CYS A 192 -22.94 -6.93 22.83
C CYS A 192 -22.75 -6.60 24.30
N SER A 193 -22.95 -7.57 25.19
CA SER A 193 -22.81 -7.30 26.61
C SER A 193 -21.37 -6.94 26.96
N LEU A 194 -20.40 -7.65 26.38
CA LEU A 194 -19.00 -7.33 26.61
C LEU A 194 -18.68 -5.93 26.12
N ALA A 195 -19.16 -5.57 24.92
CA ALA A 195 -18.86 -4.25 24.38
C ALA A 195 -19.58 -3.15 25.16
N LYS A 196 -20.82 -3.41 25.56
CA LYS A 196 -21.58 -2.37 26.26
C LYS A 196 -21.00 -2.10 27.64
N THR A 197 -20.61 -3.16 28.36
CA THR A 197 -20.02 -2.97 29.68
C THR A 197 -18.74 -2.16 29.59
N ALA A 198 -17.86 -2.49 28.65
CA ALA A 198 -16.63 -1.73 28.49
C ALA A 198 -16.92 -0.29 28.10
N PHE A 199 -17.83 -0.07 27.16
CA PHE A 199 -18.18 1.29 26.78
C PHE A 199 -18.74 2.07 27.97
N ASP A 200 -19.69 1.46 28.69
CA ASP A 200 -20.33 2.17 29.79
C ASP A 200 -19.35 2.44 30.92
N GLU A 201 -18.44 1.50 31.19
CA GLU A 201 -17.48 1.71 32.27
C GLU A 201 -16.49 2.82 31.93
N ALA A 202 -16.15 2.97 30.66
CA ALA A 202 -15.25 4.03 30.25
C ALA A 202 -15.96 5.38 30.19
N ILE A 203 -17.18 5.41 29.65
CA ILE A 203 -17.90 6.68 29.55
C ILE A 203 -18.24 7.23 30.92
N ALA A 204 -18.22 6.39 31.96
CA ALA A 204 -18.39 6.89 33.32
C ALA A 204 -17.21 7.75 33.77
N GLU A 205 -16.05 7.57 33.13
CA GLU A 205 -14.88 8.41 33.38
C GLU A 205 -14.63 9.30 32.16
N LEU A 206 -15.68 9.95 31.67
CA LEU A 206 -15.57 10.70 30.42
C LEU A 206 -14.53 11.81 30.50
N ASP A 207 -14.35 12.40 31.69
CA ASP A 207 -13.36 13.46 31.83
C ASP A 207 -11.95 12.95 31.57
N THR A 208 -11.68 11.69 31.91
CA THR A 208 -10.38 11.12 31.59
C THR A 208 -10.19 10.95 30.09
N LEU A 209 -11.25 10.51 29.39
CA LEU A 209 -11.16 10.27 27.96
C LEU A 209 -10.91 11.56 27.18
N SER A 210 -11.30 12.71 27.73
CA SER A 210 -11.11 13.98 27.04
C SER A 210 -9.71 14.53 27.19
N GLU A 211 -8.86 13.92 28.02
CA GLU A 211 -7.50 14.39 28.20
C GLU A 211 -6.70 14.19 26.92
N GLU A 212 -5.68 15.03 26.73
N GLU A 212 -5.67 15.02 26.73
CA GLU A 212 -4.90 14.99 25.49
CA GLU A 212 -4.90 14.98 25.48
C GLU A 212 -4.19 13.65 25.30
C GLU A 212 -4.18 13.66 25.29
N SER A 213 -3.93 12.91 26.38
N SER A 213 -3.93 12.91 26.37
CA SER A 213 -3.22 11.66 26.28
CA SER A 213 -3.22 11.65 26.25
C SER A 213 -4.13 10.48 25.95
C SER A 213 -4.13 10.48 25.94
N TYR A 214 -5.44 10.69 25.86
CA TYR A 214 -6.39 9.61 25.64
C TYR A 214 -7.04 9.67 24.25
N LYS A 215 -6.25 10.03 23.24
CA LYS A 215 -6.79 10.02 21.87
C LYS A 215 -7.02 8.57 21.45
N ASP A 216 -6.14 7.67 21.90
CA ASP A 216 -6.31 6.28 21.46
C ASP A 216 -7.56 5.66 22.07
N SER A 217 -7.80 5.88 23.36
CA SER A 217 -9.05 5.40 23.96
C SER A 217 -10.26 6.03 23.29
N THR A 218 -10.16 7.31 22.93
CA THR A 218 -11.25 7.99 22.23
C THR A 218 -11.57 7.31 20.91
N LEU A 219 -10.54 6.91 20.16
N LEU A 219 -10.55 6.92 20.15
CA LEU A 219 -10.78 6.22 18.90
CA LEU A 219 -10.76 6.21 18.90
C LEU A 219 -11.45 4.87 19.12
C LEU A 219 -11.46 4.88 19.15
N ILE A 220 -10.96 4.10 20.10
CA ILE A 220 -11.53 2.79 20.37
C ILE A 220 -12.98 2.90 20.84
N MET A 221 -13.31 3.96 21.58
CA MET A 221 -14.69 4.17 22.02
C MET A 221 -15.62 4.38 20.84
N GLN A 222 -15.14 5.03 19.78
CA GLN A 222 -15.96 5.16 18.58
C GLN A 222 -16.22 3.80 17.94
N LEU A 223 -15.19 2.95 17.90
CA LEU A 223 -15.34 1.63 17.29
C LEU A 223 -16.29 0.76 18.10
N LEU A 224 -16.14 0.75 19.43
CA LEU A 224 -17.03 -0.01 20.30
C LEU A 224 -18.48 0.37 20.07
N ARG A 225 -18.79 1.67 20.08
CA ARG A 225 -20.18 2.07 19.89
C ARG A 225 -20.65 1.80 18.47
N ASP A 226 -19.75 1.92 17.49
CA ASP A 226 -20.12 1.57 16.12
C ASP A 226 -20.61 0.13 16.04
N ASN A 227 -19.89 -0.80 16.66
CA ASN A 227 -20.29 -2.20 16.61
C ASN A 227 -21.60 -2.42 17.37
N LEU A 228 -21.79 -1.71 18.48
CA LEU A 228 -23.04 -1.80 19.22
C LEU A 228 -24.22 -1.34 18.38
N THR A 229 -24.06 -0.20 17.69
CA THR A 229 -25.10 0.26 16.78
C THR A 229 -25.33 -0.74 15.66
N LEU A 230 -24.24 -1.30 15.12
CA LEU A 230 -24.35 -2.28 14.05
C LEU A 230 -25.10 -3.54 14.50
N TRP A 231 -24.81 -4.01 15.71
CA TRP A 231 -25.35 -5.28 16.18
C TRP A 231 -26.71 -5.16 16.84
N THR A 232 -26.99 -4.06 17.53
CA THR A 232 -28.22 -3.88 18.28
C THR A 232 -29.03 -2.74 17.69
N GLY A 233 -30.36 -2.94 17.62
CA GLY A 233 -31.18 -1.94 16.99
C GLY A 233 -30.99 -1.96 15.48
N GLY A 234 -31.18 -0.80 14.85
CA GLY A 234 -31.03 -0.69 13.42
C GLY A 234 -32.25 -1.03 12.62
N GLY A 235 -33.40 -1.20 13.25
CA GLY A 235 -34.63 -1.45 12.52
C GLY A 235 -35.44 -0.18 12.34
N GLY A 236 -35.95 0.34 13.46
CA GLY A 236 -36.75 1.55 13.42
C GLY A 236 -35.94 2.82 13.62
N ARG A 237 -34.66 2.79 13.26
CA ARG A 237 -33.82 3.98 13.40
C ARG A 237 -34.05 4.93 12.23
N ARG A 238 -34.22 6.20 12.54
CA ARG A 238 -34.29 7.25 11.54
C ARG A 238 -33.00 8.05 11.55
N ARG A 239 -32.61 8.54 10.37
CA ARG A 239 -31.34 9.24 10.23
C ARG A 239 -31.28 10.42 11.20
N GLU A 240 -30.05 10.81 11.55
CA GLU A 240 -29.86 11.80 12.59
C GLU A 240 -29.21 13.07 12.08
N TPO A 241 -29.70 14.20 12.54
CA TPO A 241 -29.12 15.50 12.16
CB TPO A 241 -30.07 16.25 11.23
CG2 TPO A 241 -30.27 15.51 9.94
OG1 TPO A 241 -31.35 16.34 11.91
P TPO A 241 -32.46 17.37 11.46
O1P TPO A 241 -33.11 16.84 10.34
O2P TPO A 241 -33.35 17.53 12.56
O3P TPO A 241 -31.72 18.57 11.19
C TPO A 241 -28.84 16.32 13.42
O TPO A 241 -29.25 15.91 14.49
N GLN A 242 -28.16 17.44 13.23
CA GLN A 242 -27.78 18.28 14.36
C GLN A 242 -27.78 19.77 14.02
N VAL A 243 -28.83 20.45 14.50
CA VAL A 243 -28.98 21.95 14.51
C VAL A 243 -28.85 22.29 15.99
N PRO B 2 4.32 -22.90 -15.26
CA PRO B 2 4.60 -23.53 -16.55
C PRO B 2 4.51 -22.54 -17.72
N HIS B 3 4.66 -23.05 -18.94
CA HIS B 3 4.47 -22.24 -20.15
C HIS B 3 2.96 -22.16 -20.42
N MET B 4 2.30 -21.26 -19.71
CA MET B 4 0.84 -21.19 -19.81
C MET B 4 0.41 -20.22 -20.91
N ASP B 5 -0.87 -20.32 -21.28
CA ASP B 5 -1.44 -19.45 -22.30
C ASP B 5 -1.54 -18.02 -21.80
N LYS B 6 -1.43 -17.07 -22.74
CA LYS B 6 -1.42 -15.66 -22.34
C LYS B 6 -2.76 -15.24 -21.76
N ASN B 7 -3.87 -15.85 -22.18
CA ASN B 7 -5.16 -15.53 -21.57
C ASN B 7 -5.17 -15.96 -20.11
N GLU B 8 -4.55 -17.11 -19.81
CA GLU B 8 -4.47 -17.57 -18.43
C GLU B 8 -3.66 -16.59 -17.58
N LEU B 9 -2.53 -16.12 -18.10
CA LEU B 9 -1.72 -15.15 -17.36
C LEU B 9 -2.46 -13.83 -17.15
N VAL B 10 -3.18 -13.37 -18.18
CA VAL B 10 -3.94 -12.13 -18.05
C VAL B 10 -5.02 -12.26 -16.99
N GLN B 11 -5.70 -13.40 -16.94
N GLN B 11 -5.71 -13.40 -16.97
CA GLN B 11 -6.73 -13.60 -15.93
CA GLN B 11 -6.70 -13.66 -15.92
C GLN B 11 -6.12 -13.71 -14.54
C GLN B 11 -6.07 -13.57 -14.54
N LYS B 12 -4.89 -14.17 -14.37
N LYS B 12 -4.85 -14.16 -14.38
CA LYS B 12 -4.21 -14.10 -13.09
CA LYS B 12 -4.15 -14.12 -13.11
C LYS B 12 -3.77 -12.67 -12.77
C LYS B 12 -3.76 -12.68 -12.77
N ALA B 13 -3.37 -11.92 -13.79
CA ALA B 13 -2.97 -10.53 -13.57
C ALA B 13 -4.16 -9.69 -13.09
N LYS B 14 -5.34 -9.88 -13.69
CA LYS B 14 -6.51 -9.14 -13.22
C LYS B 14 -6.92 -9.57 -11.82
N LEU B 15 -6.68 -10.84 -11.46
CA LEU B 15 -6.95 -11.29 -10.10
C LEU B 15 -6.01 -10.60 -9.11
N ALA B 16 -4.72 -10.51 -9.46
CA ALA B 16 -3.77 -9.83 -8.59
C ALA B 16 -4.06 -8.34 -8.52
N GLU B 17 -4.53 -7.74 -9.62
CA GLU B 17 -4.82 -6.31 -9.62
C GLU B 17 -5.96 -5.97 -8.66
N GLN B 18 -7.02 -6.79 -8.68
CA GLN B 18 -8.14 -6.55 -7.77
C GLN B 18 -7.71 -6.70 -6.31
N ALA B 19 -6.79 -7.62 -6.04
CA ALA B 19 -6.26 -7.81 -4.69
C ALA B 19 -5.17 -6.81 -4.33
N GLU B 20 -4.85 -5.88 -5.22
CA GLU B 20 -3.78 -4.89 -5.02
C GLU B 20 -2.45 -5.58 -4.70
N ARG B 21 -2.18 -6.68 -5.38
CA ARG B 21 -0.92 -7.41 -5.24
C ARG B 21 -0.15 -7.21 -6.53
N TYR B 22 0.56 -6.08 -6.60
CA TYR B 22 1.12 -5.63 -7.87
C TYR B 22 2.42 -6.34 -8.23
N ASP B 23 3.14 -6.89 -7.26
CA ASP B 23 4.26 -7.78 -7.61
C ASP B 23 3.75 -8.95 -8.44
N ASP B 24 2.71 -9.65 -7.95
CA ASP B 24 2.12 -10.74 -8.69
C ASP B 24 1.64 -10.29 -10.06
N MET B 25 0.94 -9.15 -10.10
CA MET B 25 0.41 -8.62 -11.35
C MET B 25 1.53 -8.31 -12.32
N ALA B 26 2.63 -7.74 -11.84
CA ALA B 26 3.76 -7.44 -12.72
C ALA B 26 4.42 -8.71 -13.22
N ALA B 27 4.52 -9.74 -12.37
CA ALA B 27 5.14 -10.99 -12.78
C ALA B 27 4.33 -11.67 -13.87
N CYS B 28 3.00 -11.61 -13.77
CA CYS B 28 2.15 -12.21 -14.80
C CYS B 28 2.32 -11.50 -16.13
N MET B 29 2.28 -10.18 -16.11
CA MET B 29 2.37 -9.41 -17.35
C MET B 29 3.79 -9.42 -17.92
N LYS B 30 4.80 -9.59 -17.07
N LYS B 30 4.79 -9.60 -17.06
CA LYS B 30 6.14 -9.81 -17.58
CA LYS B 30 6.15 -9.81 -17.56
C LYS B 30 6.22 -11.12 -18.35
C LYS B 30 6.24 -11.12 -18.34
N SER B 31 5.57 -12.17 -17.85
CA SER B 31 5.55 -13.44 -18.58
C SER B 31 4.81 -13.31 -19.90
N VAL B 32 3.72 -12.54 -19.92
CA VAL B 32 3.02 -12.28 -21.18
C VAL B 32 3.95 -11.61 -22.17
N THR B 33 4.67 -10.59 -21.72
CA THR B 33 5.59 -9.88 -22.60
C THR B 33 6.66 -10.80 -23.16
N GLU B 34 7.21 -11.67 -22.31
CA GLU B 34 8.32 -12.54 -22.71
C GLU B 34 7.92 -13.59 -23.72
N GLN B 35 6.63 -13.78 -23.98
CA GLN B 35 6.22 -14.68 -25.05
C GLN B 35 6.46 -14.08 -26.44
N GLY B 36 6.79 -12.79 -26.52
CA GLY B 36 7.24 -12.19 -27.75
C GLY B 36 6.16 -11.74 -28.71
N ALA B 37 4.89 -11.93 -28.37
CA ALA B 37 3.79 -11.46 -29.21
C ALA B 37 3.46 -10.02 -28.86
N GLU B 38 3.00 -9.27 -29.86
CA GLU B 38 2.62 -7.88 -29.65
C GLU B 38 1.50 -7.79 -28.63
N LEU B 39 1.66 -6.89 -27.66
CA LEU B 39 0.66 -6.75 -26.61
C LEU B 39 -0.56 -6.01 -27.13
N SER B 40 -1.74 -6.49 -26.72
CA SER B 40 -2.95 -5.74 -26.96
C SER B 40 -2.99 -4.51 -26.06
N ASN B 41 -3.88 -3.57 -26.38
CA ASN B 41 -4.05 -2.40 -25.54
C ASN B 41 -4.33 -2.78 -24.08
N GLU B 42 -5.15 -3.81 -23.87
CA GLU B 42 -5.49 -4.22 -22.51
C GLU B 42 -4.26 -4.76 -21.79
N GLU B 43 -3.53 -5.69 -22.41
CA GLU B 43 -2.33 -6.25 -21.80
C GLU B 43 -1.28 -5.17 -21.59
N ARG B 44 -1.11 -4.30 -22.58
N ARG B 44 -1.13 -4.28 -22.55
CA ARG B 44 -0.19 -3.18 -22.45
CA ARG B 44 -0.16 -3.20 -22.43
C ARG B 44 -0.51 -2.35 -21.21
C ARG B 44 -0.49 -2.28 -21.26
N ASN B 45 -1.78 -2.02 -21.02
CA ASN B 45 -2.18 -1.19 -19.88
C ASN B 45 -2.02 -1.94 -18.56
N LEU B 46 -2.27 -3.24 -18.56
CA LEU B 46 -2.05 -4.02 -17.34
C LEU B 46 -0.59 -4.06 -16.96
N LEU B 47 0.29 -4.26 -17.95
CA LEU B 47 1.73 -4.22 -17.69
C LEU B 47 2.14 -2.87 -17.11
N SER B 48 1.72 -1.79 -17.76
CA SER B 48 2.09 -0.45 -17.34
C SER B 48 1.61 -0.16 -15.92
N VAL B 49 0.35 -0.49 -15.61
CA VAL B 49 -0.20 -0.19 -14.30
C VAL B 49 0.51 -0.99 -13.22
N ALA B 50 0.80 -2.27 -13.51
CA ALA B 50 1.46 -3.11 -12.53
C ALA B 50 2.82 -2.54 -12.12
N TYR B 51 3.66 -2.21 -13.10
CA TYR B 51 4.99 -1.69 -12.78
C TYR B 51 4.93 -0.26 -12.26
N LYS B 52 3.91 0.50 -12.68
CA LYS B 52 3.66 1.81 -12.07
C LYS B 52 3.56 1.70 -10.56
N ASN B 53 2.84 0.68 -10.07
CA ASN B 53 2.64 0.52 -8.64
C ASN B 53 3.86 -0.08 -7.94
N VAL B 54 4.58 -0.98 -8.63
CA VAL B 54 5.77 -1.59 -8.04
C VAL B 54 6.86 -0.55 -7.85
N VAL B 55 7.09 0.27 -8.86
CA VAL B 55 8.13 1.28 -8.77
C VAL B 55 7.69 2.46 -7.91
N GLY B 56 6.39 2.77 -7.91
CA GLY B 56 5.90 3.92 -7.16
C GLY B 56 6.05 3.77 -5.66
N ALA B 57 5.93 2.53 -5.16
CA ALA B 57 6.14 2.31 -3.74
C ALA B 57 7.57 2.66 -3.33
N ARG B 58 8.53 2.36 -4.18
CA ARG B 58 9.93 2.71 -3.87
C ARG B 58 10.17 4.20 -4.04
N ARG B 59 9.53 4.83 -5.04
CA ARG B 59 9.75 6.26 -5.25
C ARG B 59 9.19 7.07 -4.09
N SER B 60 8.00 6.71 -3.61
N SER B 60 8.00 6.70 -3.60
CA SER B 60 7.42 7.40 -2.46
CA SER B 60 7.42 7.41 -2.46
C SER B 60 8.26 7.17 -1.20
C SER B 60 8.24 7.17 -1.20
N ALA B 61 8.70 5.93 -0.99
CA ALA B 61 9.56 5.65 0.16
C ALA B 61 10.89 6.35 0.04
N TRP B 62 11.43 6.46 -1.17
CA TRP B 62 12.71 7.16 -1.36
C TRP B 62 12.58 8.63 -1.00
N ARG B 63 11.46 9.25 -1.36
CA ARG B 63 11.29 10.67 -1.05
C ARG B 63 11.12 10.88 0.46
N VAL B 64 10.39 9.99 1.13
CA VAL B 64 10.23 10.10 2.58
C VAL B 64 11.59 9.98 3.27
N VAL B 65 12.36 8.95 2.92
CA VAL B 65 13.66 8.72 3.56
C VAL B 65 14.63 9.85 3.22
N SER B 66 14.64 10.28 1.96
N SER B 66 14.63 10.29 1.96
CA SER B 66 15.49 11.40 1.58
CA SER B 66 15.49 11.40 1.57
C SER B 66 15.17 12.65 2.38
C SER B 66 15.17 12.65 2.38
N SER B 67 13.88 12.90 2.63
CA SER B 67 13.49 14.06 3.42
C SER B 67 13.97 13.93 4.87
N ILE B 68 13.84 12.73 5.45
CA ILE B 68 14.32 12.51 6.81
C ILE B 68 15.84 12.65 6.87
N GLU B 69 16.53 12.14 5.85
CA GLU B 69 17.98 12.30 5.79
C GLU B 69 18.38 13.77 5.81
N GLN B 70 17.63 14.61 5.11
CA GLN B 70 17.93 16.05 5.12
C GLN B 70 17.52 16.69 6.43
N LYS B 71 16.43 16.22 7.05
CA LYS B 71 16.01 16.81 8.31
C LYS B 71 16.92 16.42 9.46
N THR B 72 17.60 15.27 9.35
CA THR B 72 18.48 14.78 10.40
C THR B 72 19.94 15.09 10.14
N GLU B 73 20.21 15.98 9.21
CA GLU B 73 21.61 16.27 8.81
C GLU B 73 22.47 16.77 9.99
N GLY B 74 21.84 17.21 11.08
CA GLY B 74 22.59 17.68 12.23
C GLY B 74 23.12 16.60 13.14
N ALA B 75 22.73 15.35 12.91
CA ALA B 75 23.19 14.21 13.71
C ALA B 75 23.78 13.18 12.77
N ALA B 76 25.05 12.82 13.01
CA ALA B 76 25.74 11.92 12.09
C ALA B 76 25.14 10.52 12.10
N ALA B 77 24.81 10.00 13.29
CA ALA B 77 24.30 8.64 13.37
C ALA B 77 22.96 8.49 12.67
N ALA B 78 22.05 9.43 12.90
CA ALA B 78 20.73 9.37 12.27
C ALA B 78 20.82 9.60 10.76
N GLN B 79 21.67 10.55 10.34
CA GLN B 79 21.80 10.82 8.91
C GLN B 79 22.39 9.63 8.18
N GLN B 80 23.37 8.94 8.78
CA GLN B 80 23.98 7.79 8.14
C GLN B 80 22.99 6.63 8.05
N MET B 81 22.17 6.46 9.08
CA MET B 81 21.11 5.45 9.04
C MET B 81 20.13 5.73 7.91
N ALA B 82 19.68 6.99 7.79
CA ALA B 82 18.77 7.33 6.71
C ALA B 82 19.45 7.18 5.36
N ARG B 83 20.72 7.56 5.27
N ARG B 83 20.72 7.57 5.26
CA ARG B 83 21.45 7.42 4.01
CA ARG B 83 21.45 7.42 4.01
C ARG B 83 21.54 5.97 3.57
C ARG B 83 21.51 5.97 3.58
N GLU B 84 21.86 5.07 4.50
CA GLU B 84 22.02 3.67 4.15
C GLU B 84 20.69 3.02 3.82
N TYR B 85 19.61 3.47 4.47
CA TYR B 85 18.28 2.98 4.10
C TYR B 85 17.89 3.46 2.72
N ARG B 86 18.21 4.72 2.40
CA ARG B 86 17.91 5.25 1.06
C ARG B 86 18.67 4.46 -0.01
N GLU B 87 19.92 4.11 0.26
CA GLU B 87 20.71 3.37 -0.71
C GLU B 87 20.13 1.99 -0.97
N LYS B 88 19.60 1.34 0.07
CA LYS B 88 18.89 0.07 -0.12
C LYS B 88 17.67 0.26 -1.01
N ILE B 89 16.90 1.31 -0.77
CA ILE B 89 15.71 1.59 -1.57
C ILE B 89 16.09 1.92 -3.00
N GLU B 90 17.19 2.66 -3.19
CA GLU B 90 17.65 2.96 -4.55
C GLU B 90 18.00 1.70 -5.31
N THR B 91 18.64 0.74 -4.64
CA THR B 91 18.99 -0.52 -5.28
C THR B 91 17.74 -1.24 -5.79
N GLU B 92 16.71 -1.32 -4.96
CA GLU B 92 15.44 -1.87 -5.41
C GLU B 92 14.89 -1.06 -6.58
N LEU B 93 14.98 0.27 -6.49
N LEU B 93 14.99 0.27 -6.48
CA LEU B 93 14.40 1.13 -7.51
CA LEU B 93 14.42 1.15 -7.49
C LEU B 93 15.08 0.91 -8.85
C LEU B 93 15.08 0.94 -8.84
N ARG B 94 16.42 0.86 -8.86
CA ARG B 94 17.14 0.67 -10.12
C ARG B 94 16.88 -0.71 -10.69
N ASP B 95 16.77 -1.74 -9.84
CA ASP B 95 16.51 -3.07 -10.32
C ASP B 95 15.15 -3.15 -11.03
N ILE B 96 14.15 -2.45 -10.49
CA ILE B 96 12.83 -2.43 -11.11
C ILE B 96 12.88 -1.68 -12.44
N CYS B 97 13.49 -0.49 -12.45
CA CYS B 97 13.58 0.28 -13.68
C CYS B 97 14.34 -0.50 -14.75
N ASN B 98 15.47 -1.11 -14.38
CA ASN B 98 16.23 -1.90 -15.34
C ASN B 98 15.43 -3.09 -15.85
N ASP B 99 14.59 -3.68 -14.99
CA ASP B 99 13.70 -4.75 -15.42
C ASP B 99 12.75 -4.26 -16.51
N VAL B 100 12.09 -3.13 -16.27
CA VAL B 100 11.17 -2.58 -17.26
C VAL B 100 11.92 -2.18 -18.52
N LEU B 101 13.06 -1.53 -18.37
CA LEU B 101 13.83 -1.08 -19.53
C LEU B 101 14.30 -2.25 -20.38
N SER B 102 14.62 -3.39 -19.74
N SER B 102 14.61 -3.39 -19.75
CA SER B 102 15.01 -4.57 -20.50
CA SER B 102 15.01 -4.56 -20.52
C SER B 102 13.85 -5.10 -21.34
C SER B 102 13.85 -5.10 -21.35
N LEU B 103 12.66 -5.16 -20.75
CA LEU B 103 11.48 -5.64 -21.48
C LEU B 103 11.13 -4.70 -22.63
N LEU B 104 11.37 -3.41 -22.46
CA LEU B 104 11.15 -2.47 -23.55
C LEU B 104 12.14 -2.70 -24.69
N GLU B 105 13.43 -2.86 -24.36
CA GLU B 105 14.44 -3.08 -25.40
C GLU B 105 14.29 -4.44 -26.05
N LYS B 106 14.03 -5.46 -25.27
CA LYS B 106 14.02 -6.83 -25.83
C LYS B 106 12.76 -7.18 -26.60
N PHE B 107 11.59 -6.81 -26.09
CA PHE B 107 10.33 -7.30 -26.64
C PHE B 107 9.44 -6.19 -27.18
N LEU B 108 9.26 -5.10 -26.43
CA LEU B 108 8.14 -4.21 -26.68
C LEU B 108 8.42 -3.21 -27.81
N ILE B 109 9.51 -2.47 -27.71
CA ILE B 109 9.85 -1.47 -28.72
C ILE B 109 10.16 -2.12 -30.07
N PRO B 110 11.04 -3.14 -30.17
CA PRO B 110 11.33 -3.69 -31.50
C PRO B 110 10.16 -4.37 -32.16
N ASN B 111 9.12 -4.74 -31.41
CA ASN B 111 7.97 -5.43 -31.95
C ASN B 111 6.76 -4.52 -32.11
N ALA B 112 6.89 -3.23 -31.81
CA ALA B 112 5.78 -2.30 -31.93
C ALA B 112 5.55 -1.94 -33.39
N SER B 113 4.39 -2.33 -33.92
CA SER B 113 4.09 -2.18 -35.34
C SER B 113 3.23 -0.97 -35.66
N GLN B 114 2.70 -0.27 -34.67
CA GLN B 114 1.88 0.92 -34.88
C GLN B 114 2.50 2.10 -34.14
N ALA B 115 2.25 3.30 -34.68
CA ALA B 115 2.82 4.50 -34.08
C ALA B 115 2.34 4.68 -32.65
N GLU B 116 1.05 4.44 -32.41
CA GLU B 116 0.47 4.57 -31.08
C GLU B 116 1.24 3.75 -30.05
N SER B 117 1.50 2.48 -30.37
CA SER B 117 2.23 1.60 -29.45
C SER B 117 3.69 1.98 -29.37
N LYS B 118 4.29 2.37 -30.50
CA LYS B 118 5.66 2.87 -30.48
C LYS B 118 5.80 4.04 -29.52
N VAL B 119 4.87 5.01 -29.60
CA VAL B 119 4.93 6.16 -28.71
C VAL B 119 4.73 5.73 -27.26
N PHE B 120 3.81 4.80 -27.02
CA PHE B 120 3.58 4.30 -25.66
C PHE B 120 4.87 3.76 -25.06
N TYR B 121 5.56 2.87 -25.77
CA TYR B 121 6.73 2.22 -25.20
C TYR B 121 7.91 3.20 -25.11
N LEU B 122 8.03 4.13 -26.05
CA LEU B 122 9.10 5.11 -25.95
C LEU B 122 8.84 6.09 -24.80
N LYS B 123 7.57 6.47 -24.58
CA LYS B 123 7.25 7.26 -23.40
C LYS B 123 7.56 6.48 -22.12
N MET B 124 7.26 5.18 -22.12
CA MET B 124 7.59 4.36 -20.96
C MET B 124 9.10 4.34 -20.73
N LYS B 125 9.89 4.21 -21.80
CA LYS B 125 11.34 4.24 -21.68
C LYS B 125 11.80 5.56 -21.08
N GLY B 126 11.27 6.68 -21.60
CA GLY B 126 11.60 7.98 -21.03
C GLY B 126 11.23 8.07 -19.55
N ASP B 127 10.06 7.54 -19.19
CA ASP B 127 9.61 7.61 -17.80
C ASP B 127 10.55 6.85 -16.86
N TYR B 128 10.91 5.63 -17.22
CA TYR B 128 11.71 4.83 -16.29
C TYR B 128 13.15 5.29 -16.23
N TYR B 129 13.69 5.87 -17.31
CA TYR B 129 14.96 6.56 -17.20
C TYR B 129 14.82 7.82 -16.35
N ARG B 130 13.68 8.50 -16.42
CA ARG B 130 13.45 9.64 -15.55
C ARG B 130 13.43 9.21 -14.08
N TYR B 131 12.86 8.04 -13.80
CA TYR B 131 12.86 7.54 -12.42
C TYR B 131 14.27 7.20 -11.97
N LEU B 132 15.10 6.69 -12.88
CA LEU B 132 16.52 6.51 -12.56
C LEU B 132 17.20 7.84 -12.34
N ALA B 133 16.86 8.85 -13.16
CA ALA B 133 17.45 10.17 -12.99
C ALA B 133 17.10 10.77 -11.62
N GLU B 134 15.91 10.48 -11.11
CA GLU B 134 15.50 11.04 -9.83
C GLU B 134 16.45 10.64 -8.70
N VAL B 135 17.05 9.45 -8.78
CA VAL B 135 17.90 8.95 -7.72
C VAL B 135 19.36 8.85 -8.16
N ALA B 136 19.69 9.38 -9.32
CA ALA B 136 21.07 9.41 -9.78
C ALA B 136 21.81 10.57 -9.14
N ALA B 137 23.04 10.31 -8.72
CA ALA B 137 23.85 11.30 -8.03
C ALA B 137 25.16 11.54 -8.78
N GLY B 138 25.76 12.69 -8.52
CA GLY B 138 27.10 12.94 -9.01
C GLY B 138 27.15 13.01 -10.53
N ASP B 139 28.19 12.40 -11.10
CA ASP B 139 28.49 12.53 -12.51
C ASP B 139 27.73 11.53 -13.39
N ASP B 140 27.17 10.46 -12.81
CA ASP B 140 26.48 9.49 -13.64
C ASP B 140 25.05 9.92 -13.95
N LYS B 141 24.59 11.05 -13.42
CA LYS B 141 23.22 11.51 -13.68
C LYS B 141 23.05 11.94 -15.14
N LYS B 142 24.07 12.59 -15.72
CA LYS B 142 23.92 13.19 -17.04
C LYS B 142 23.59 12.13 -18.10
N GLY B 143 24.26 10.98 -18.06
CA GLY B 143 23.98 9.94 -19.04
C GLY B 143 22.56 9.40 -18.94
N ILE B 144 22.07 9.25 -17.71
CA ILE B 144 20.71 8.76 -17.51
C ILE B 144 19.70 9.79 -18.00
N VAL B 145 19.95 11.06 -17.71
CA VAL B 145 19.06 12.13 -18.17
C VAL B 145 18.99 12.15 -19.69
N ASP B 146 20.13 11.92 -20.35
CA ASP B 146 20.19 11.93 -21.83
C ASP B 146 19.30 10.79 -22.36
N GLN B 147 19.37 9.64 -21.73
CA GLN B 147 18.57 8.50 -22.19
C GLN B 147 17.08 8.86 -22.08
N SER B 148 16.69 9.46 -20.98
CA SER B 148 15.27 9.86 -20.80
C SER B 148 14.90 10.88 -21.91
N GLN B 149 15.68 11.82 -22.10
N GLN B 149 15.67 11.82 -22.10
CA GLN B 149 15.34 12.85 -23.08
CA GLN B 149 15.30 12.83 -23.09
C GLN B 149 15.26 12.25 -24.49
C GLN B 149 15.23 12.23 -24.50
N GLN B 150 16.18 11.36 -24.83
CA GLN B 150 16.21 10.79 -26.18
C GLN B 150 14.98 9.95 -26.47
N ALA B 151 14.48 9.21 -25.47
CA ALA B 151 13.27 8.41 -25.66
C ALA B 151 12.04 9.32 -25.75
N TYR B 152 11.95 10.31 -24.86
CA TYR B 152 10.85 11.26 -24.90
C TYR B 152 10.79 11.98 -26.24
N GLN B 153 11.93 12.45 -26.73
N GLN B 153 11.93 12.44 -26.73
CA GLN B 153 11.95 13.23 -27.96
CA GLN B 153 11.93 13.23 -27.96
C GLN B 153 11.57 12.38 -29.16
C GLN B 153 11.57 12.39 -29.17
N GLU B 154 12.04 11.13 -29.21
CA GLU B 154 11.66 10.24 -30.30
C GLU B 154 10.16 9.95 -30.27
N ALA B 155 9.62 9.67 -29.08
CA ALA B 155 8.18 9.49 -28.94
C ALA B 155 7.44 10.75 -29.36
N PHE B 156 8.01 11.92 -29.08
CA PHE B 156 7.37 13.18 -29.43
C PHE B 156 7.33 13.37 -30.93
N GLU B 157 8.41 13.02 -31.63
CA GLU B 157 8.44 13.15 -33.09
C GLU B 157 7.40 12.23 -33.73
N ILE B 158 7.35 10.97 -33.31
CA ILE B 158 6.36 10.03 -33.83
C ILE B 158 4.95 10.56 -33.54
N SER B 159 4.71 10.96 -32.29
CA SER B 159 3.38 11.37 -31.89
C SER B 159 2.92 12.62 -32.64
N ALA B 160 3.83 13.56 -32.86
CA ALA B 160 3.46 14.81 -33.53
C ALA B 160 3.04 14.58 -34.97
N ALA B 161 3.55 13.53 -35.60
CA ALA B 161 3.27 13.28 -37.01
C ALA B 161 2.09 12.34 -37.24
N ALA B 162 1.79 11.45 -36.28
CA ALA B 162 0.87 10.35 -36.53
C ALA B 162 -0.34 10.31 -35.59
N MET B 163 -0.37 11.12 -34.53
CA MET B 163 -1.44 11.04 -33.56
C MET B 163 -2.12 12.39 -33.39
N GLN B 164 -3.45 12.34 -33.17
CA GLN B 164 -4.22 13.54 -32.93
C GLN B 164 -3.87 14.14 -31.57
N PRO B 165 -3.95 15.46 -31.42
CA PRO B 165 -3.65 16.08 -30.12
C PRO B 165 -4.59 15.67 -29.00
N THR B 166 -5.71 15.02 -29.30
CA THR B 166 -6.65 14.56 -28.28
C THR B 166 -6.37 13.13 -27.84
N HIS B 167 -5.40 12.45 -28.43
CA HIS B 167 -5.13 11.08 -28.06
C HIS B 167 -4.51 11.04 -26.66
N PRO B 168 -4.98 10.16 -25.78
CA PRO B 168 -4.43 10.12 -24.41
C PRO B 168 -2.92 9.91 -24.36
N ILE B 169 -2.37 9.12 -25.28
CA ILE B 169 -0.93 8.84 -25.23
C ILE B 169 -0.14 10.10 -25.61
N ARG B 170 -0.59 10.83 -26.62
CA ARG B 170 0.08 12.08 -26.97
C ARG B 170 -0.05 13.09 -25.85
N LEU B 171 -1.20 13.13 -25.19
CA LEU B 171 -1.38 14.02 -24.04
C LEU B 171 -0.51 13.58 -22.86
N GLY B 172 -0.51 12.28 -22.55
CA GLY B 172 0.31 11.80 -21.45
C GLY B 172 1.79 11.97 -21.71
N LEU B 173 2.22 11.78 -22.95
CA LEU B 173 3.60 12.08 -23.31
C LEU B 173 3.93 13.54 -23.02
N ALA B 174 3.07 14.47 -23.44
CA ALA B 174 3.35 15.87 -23.21
C ALA B 174 3.41 16.19 -21.73
N LEU B 175 2.51 15.58 -20.93
CA LEU B 175 2.50 15.81 -19.49
C LEU B 175 3.83 15.43 -18.85
N ASN B 176 4.27 14.17 -19.06
CA ASN B 176 5.48 13.69 -18.42
C ASN B 176 6.74 14.33 -19.00
N PHE B 177 6.77 14.52 -20.32
CA PHE B 177 7.89 15.22 -20.93
C PHE B 177 8.01 16.62 -20.37
N SER B 178 6.88 17.29 -20.14
CA SER B 178 6.90 18.61 -19.51
C SER B 178 7.49 18.53 -18.11
N VAL B 179 7.05 17.55 -17.32
CA VAL B 179 7.59 17.39 -15.97
C VAL B 179 9.09 17.14 -16.02
N PHE B 180 9.53 16.35 -17.00
CA PHE B 180 10.95 16.13 -17.22
C PHE B 180 11.70 17.46 -17.37
N TYR B 181 11.21 18.34 -18.25
CA TYR B 181 11.86 19.63 -18.45
C TYR B 181 11.88 20.46 -17.17
N TYR B 182 10.76 20.47 -16.44
CA TYR B 182 10.66 21.32 -15.26
C TYR B 182 11.58 20.83 -14.15
N GLU B 183 11.55 19.53 -13.87
CA GLU B 183 12.11 18.97 -12.66
C GLU B 183 13.46 18.30 -12.87
N ILE B 184 13.69 17.66 -14.00
CA ILE B 184 14.97 17.04 -14.27
C ILE B 184 15.94 18.02 -14.93
N LEU B 185 15.48 18.74 -15.95
CA LEU B 185 16.32 19.70 -16.65
C LEU B 185 16.26 21.10 -16.04
N ASN B 186 15.38 21.32 -15.06
CA ASN B 186 15.22 22.64 -14.45
C ASN B 186 14.99 23.71 -15.52
N SER B 187 14.04 23.44 -16.40
N SER B 187 14.04 23.44 -16.40
CA SER B 187 13.71 24.33 -17.51
CA SER B 187 13.71 24.33 -17.51
C SER B 187 12.20 24.61 -17.45
C SER B 187 12.21 24.63 -17.45
N PRO B 188 11.78 25.54 -16.58
CA PRO B 188 10.34 25.77 -16.41
C PRO B 188 9.67 26.43 -17.60
N GLU B 189 10.37 27.30 -18.35
CA GLU B 189 9.74 27.94 -19.49
C GLU B 189 9.38 26.92 -20.56
N LYS B 190 10.32 26.02 -20.88
CA LYS B 190 10.02 24.98 -21.86
C LYS B 190 8.95 24.02 -21.33
N ALA B 191 9.02 23.69 -20.05
CA ALA B 191 8.03 22.81 -19.44
C ALA B 191 6.62 23.40 -19.53
N CYS B 192 6.49 24.71 -19.23
CA CYS B 192 5.17 25.34 -19.32
C CYS B 192 4.72 25.46 -20.76
N SER B 193 5.65 25.83 -21.66
CA SER B 193 5.32 25.91 -23.08
C SER B 193 4.80 24.57 -23.60
N LEU B 194 5.50 23.48 -23.25
CA LEU B 194 5.08 22.16 -23.72
C LEU B 194 3.70 21.80 -23.16
N ALA B 195 3.47 22.07 -21.87
CA ALA B 195 2.18 21.76 -21.27
C ALA B 195 1.07 22.60 -21.87
N LYS B 196 1.30 23.92 -22.00
CA LYS B 196 0.27 24.80 -22.54
C LYS B 196 -0.05 24.47 -23.98
N THR B 197 0.98 24.20 -24.80
CA THR B 197 0.74 23.86 -26.19
C THR B 197 -0.10 22.59 -26.32
N ALA B 198 0.22 21.56 -25.53
CA ALA B 198 -0.51 20.30 -25.63
C ALA B 198 -1.97 20.48 -25.26
N PHE B 199 -2.25 21.22 -24.19
CA PHE B 199 -3.63 21.50 -23.82
C PHE B 199 -4.35 22.27 -24.91
N ASP B 200 -3.74 23.38 -25.37
CA ASP B 200 -4.40 24.22 -26.37
C ASP B 200 -4.69 23.46 -27.65
N GLU B 201 -3.77 22.58 -28.07
CA GLU B 201 -3.98 21.83 -29.30
C GLU B 201 -5.11 20.83 -29.16
N ALA B 202 -5.22 20.19 -27.98
CA ALA B 202 -6.35 19.31 -27.74
C ALA B 202 -7.67 20.07 -27.76
N ILE B 203 -7.70 21.25 -27.14
CA ILE B 203 -8.90 22.08 -27.18
C ILE B 203 -9.24 22.48 -28.61
N ALA B 204 -8.23 22.91 -29.37
CA ALA B 204 -8.47 23.36 -30.74
C ALA B 204 -9.05 22.27 -31.62
N GLU B 205 -8.68 21.02 -31.39
CA GLU B 205 -9.14 19.90 -32.19
C GLU B 205 -10.00 18.94 -31.36
N LEU B 206 -10.84 19.50 -30.49
CA LEU B 206 -11.69 18.71 -29.61
C LEU B 206 -12.62 17.80 -30.38
N ASP B 207 -12.96 18.14 -31.62
CA ASP B 207 -13.87 17.32 -32.42
C ASP B 207 -13.27 15.99 -32.83
N THR B 208 -11.96 15.80 -32.70
CA THR B 208 -11.33 14.51 -32.97
C THR B 208 -11.38 13.57 -31.78
N LEU B 209 -11.81 14.05 -30.62
CA LEU B 209 -11.88 13.20 -29.43
C LEU B 209 -13.04 12.23 -29.54
N SER B 210 -12.75 10.94 -29.38
CA SER B 210 -13.75 9.88 -29.48
C SER B 210 -14.24 9.51 -28.08
N GLU B 211 -15.38 8.80 -28.05
CA GLU B 211 -15.96 8.41 -26.77
C GLU B 211 -15.02 7.48 -25.98
N GLU B 212 -14.38 6.53 -26.68
CA GLU B 212 -13.54 5.56 -25.98
C GLU B 212 -12.31 6.20 -25.35
N SER B 213 -11.89 7.37 -25.84
CA SER B 213 -10.77 8.10 -25.26
C SER B 213 -11.20 9.26 -24.39
N TYR B 214 -12.50 9.46 -24.20
CA TYR B 214 -12.99 10.69 -23.58
C TYR B 214 -12.51 10.83 -22.14
N LYS B 215 -12.78 9.81 -21.31
CA LYS B 215 -12.43 9.91 -19.89
C LYS B 215 -10.92 10.07 -19.70
N ASP B 216 -10.11 9.31 -20.44
CA ASP B 216 -8.67 9.40 -20.29
C ASP B 216 -8.15 10.76 -20.72
N SER B 217 -8.57 11.23 -21.90
CA SER B 217 -8.01 12.47 -22.43
C SER B 217 -8.40 13.66 -21.59
N THR B 218 -9.68 13.75 -21.20
CA THR B 218 -10.10 14.89 -20.38
C THR B 218 -9.45 14.87 -19.01
N LEU B 219 -9.11 13.69 -18.49
CA LEU B 219 -8.36 13.62 -17.25
C LEU B 219 -6.95 14.18 -17.43
N ILE B 220 -6.24 13.72 -18.46
CA ILE B 220 -4.86 14.16 -18.66
C ILE B 220 -4.82 15.65 -18.98
N MET B 221 -5.82 16.16 -19.71
CA MET B 221 -5.88 17.60 -19.97
C MET B 221 -5.95 18.38 -18.67
N GLN B 222 -6.65 17.85 -17.66
CA GLN B 222 -6.70 18.53 -16.37
C GLN B 222 -5.38 18.41 -15.63
N LEU B 223 -4.70 17.26 -15.75
CA LEU B 223 -3.37 17.13 -15.16
C LEU B 223 -2.40 18.16 -15.75
N LEU B 224 -2.53 18.43 -17.06
CA LEU B 224 -1.71 19.46 -17.68
C LEU B 224 -1.99 20.83 -17.08
N ARG B 225 -3.27 21.16 -16.89
CA ARG B 225 -3.63 22.44 -16.31
C ARG B 225 -3.25 22.53 -14.84
N ASP B 226 -3.37 21.41 -14.10
CA ASP B 226 -2.93 21.41 -12.71
C ASP B 226 -1.47 21.82 -12.61
N ASN B 227 -0.62 21.25 -13.47
CA ASN B 227 0.80 21.54 -13.41
C ASN B 227 1.09 22.98 -13.82
N LEU B 228 0.45 23.44 -14.90
CA LEU B 228 0.61 24.82 -15.35
C LEU B 228 0.23 25.80 -14.25
N THR B 229 -0.94 25.60 -13.64
CA THR B 229 -1.37 26.48 -12.56
C THR B 229 -0.37 26.44 -11.41
N LEU B 230 0.13 25.26 -11.08
CA LEU B 230 1.13 25.14 -10.02
C LEU B 230 2.41 25.89 -10.37
N TRP B 231 2.85 25.79 -11.62
CA TRP B 231 4.13 26.35 -12.05
C TRP B 231 4.05 27.82 -12.43
N THR B 232 2.91 28.29 -12.93
CA THR B 232 2.82 29.69 -13.34
C THR B 232 2.41 30.54 -12.15
N GLY B 233 2.82 30.11 -10.97
CA GLY B 233 2.55 30.82 -9.73
C GLY B 233 3.44 32.05 -9.62
N GLY B 234 3.42 32.63 -8.42
CA GLY B 234 4.16 33.85 -8.16
C GLY B 234 3.65 34.97 -9.04
N GLY B 235 2.35 35.20 -8.99
CA GLY B 235 1.71 36.07 -9.95
C GLY B 235 1.28 35.31 -11.20
N GLY B 236 0.17 35.74 -11.76
CA GLY B 236 -0.34 35.14 -12.97
C GLY B 236 -1.44 34.13 -12.72
N ARG B 237 -1.49 33.07 -13.54
CA ARG B 237 -2.56 32.07 -13.48
C ARG B 237 -3.93 32.75 -13.63
N ARG B 238 -4.11 33.43 -14.76
CA ARG B 238 -5.34 34.19 -14.96
C ARG B 238 -6.53 33.26 -15.07
N ARG B 239 -7.61 33.61 -14.36
CA ARG B 239 -8.83 32.82 -14.38
C ARG B 239 -9.45 32.83 -15.78
N GLU B 240 -10.33 31.87 -16.02
CA GLU B 240 -10.90 31.72 -17.35
C GLU B 240 -12.42 31.92 -17.37
N TPO B 241 -12.89 32.61 -18.41
CA TPO B 241 -14.32 32.80 -18.64
CB TPO B 241 -14.68 34.26 -18.53
CG2 TPO B 241 -14.63 34.65 -17.06
OG1 TPO B 241 -13.69 34.96 -19.30
P TPO B 241 -14.23 36.44 -19.67
O1P TPO B 241 -15.81 36.40 -19.93
O2P TPO B 241 -13.50 36.89 -20.88
O3P TPO B 241 -13.86 37.42 -18.44
C TPO B 241 -14.73 32.28 -20.01
O TPO B 241 -13.88 31.95 -20.83
N GLN B 242 -16.02 32.19 -20.26
CA GLN B 242 -16.49 31.80 -21.57
C GLN B 242 -17.74 32.57 -21.98
N VAL B 243 -17.57 33.36 -23.02
CA VAL B 243 -18.61 34.24 -23.51
C VAL B 243 -18.79 33.87 -24.98
C1 GOL C . 2.75 -5.52 1.77
O1 GOL C . 2.77 -6.74 1.05
C2 GOL C . 2.80 -5.80 3.26
O2 GOL C . 4.00 -6.47 3.59
C3 GOL C . 2.54 -4.60 4.13
O3 GOL C . 2.39 -3.42 3.34
C1 FSC D . -2.58 1.76 19.35
C4 FSC D . -3.53 2.28 18.59
C11 FSC D . -4.44 3.46 18.89
C18 FSC D . -5.88 3.02 18.87
C17 FSC D . -4.22 4.60 17.92
O24 FSC D . -4.96 5.79 18.32
C31 FSC D . -4.93 6.87 17.54
O37 FSC D . -4.36 6.91 16.51
C36 FSC D . -5.69 8.02 18.08
C10 FSC D . -3.62 1.61 17.27
C6 FSC D . -2.32 0.82 17.21
O13 FSC D . -2.37 -0.28 16.35
C2 FSC D . -2.00 0.53 18.67
C7 FSC D . -0.48 0.51 18.87
C5 FSC D . -2.57 -0.77 19.16
C12 FSC D . -3.45 -1.03 20.11
C20 FSC D . -4.00 -2.43 20.34
C27 FSC D . -2.87 -3.40 20.63
O32 FSC D . -3.45 -4.67 20.65
C38 FSC D . -2.54 -5.64 20.95
C26 FSC D . -4.96 -2.31 21.50
C25 FSC D . -5.28 -0.85 21.66
C19 FSC D . -4.13 -0.07 21.07
C15 FSC D . -3.22 0.61 22.11
C23 FSC D . -1.96 -0.17 22.45
C9 FSC D . -2.96 2.09 21.80
O16 FSC D . -2.52 2.73 22.96
C3 FSC D . -2.01 2.32 20.62
O8 FSC D . -1.73 3.73 20.41
C14 FSC D . -0.42 4.15 20.62
O22 FSC D . 0.38 3.84 19.50
C30 FSC D . -0.09 4.43 18.27
C33 FSC D . -0.20 5.93 18.39
O39 FSC D . -0.84 6.41 17.25
C28 FSC D . -0.98 6.33 19.63
O34 FSC D . -0.89 7.75 19.79
C40 FSC D . -2.00 8.46 19.74
O43 FSC D . -3.08 8.00 19.90
C42 FSC D . -1.73 9.89 19.45
C21 FSC D . -0.41 5.64 20.86
O29 FSC D . -1.21 6.01 21.98
C35 FSC D . 0.86 4.04 17.18
O41 FSC D . 2.16 4.50 17.45
C44 FSC D . 3.06 4.61 16.33
C47 FSC D . 3.70 3.28 16.03
C46 FSC D . 4.11 5.63 16.76
C45 FSC D . 2.33 5.07 15.10
C48 FSC D . 2.01 6.28 14.80
C1 FSC E . -4.11 4.90 -18.72
C4 FSC E . -4.58 5.74 -17.80
C11 FSC E . -5.79 6.63 -17.86
C18 FSC E . -5.38 8.08 -17.97
C17 FSC E . -6.71 6.47 -16.66
O24 FSC E . -7.80 7.40 -16.87
C31 FSC E . -8.95 7.31 -16.21
O37 FSC E . -9.94 7.76 -16.68
C36 FSC E . -8.85 6.72 -14.86
C10 FSC E . -3.74 5.73 -16.56
C6 FSC E . -2.91 4.46 -16.72
O13 FSC E . -1.67 4.48 -16.05
C2 FSC E . -2.83 4.24 -18.22
C7 FSC E . -2.85 2.74 -18.47
C5 FSC E . -1.60 4.84 -18.85
C12 FSC E . -1.39 5.89 -19.64
C20 FSC E . 0.02 6.43 -19.78
C27 FSC E . 0.82 5.45 -20.62
O32 FSC E . 2.16 5.91 -20.67
C38 FSC E . 3.03 4.96 -21.20
C26 FSC E . -0.15 7.79 -20.43
C25 FSC E . -1.42 7.70 -21.23
C19 FSC E . -2.33 6.73 -20.51
C15 FSC E . -3.17 5.88 -21.47
C23 FSC E . -2.46 4.63 -21.96
C9 FSC E . -4.63 5.63 -21.07
O16 FSC E . -5.36 5.32 -22.22
C3 FSC E . -4.77 4.53 -20.02
O8 FSC E . -6.16 4.25 -19.77
C14 FSC E . -6.60 2.93 -19.99
O22 FSC E . -6.15 2.04 -18.99
C30 FSC E . -6.61 2.33 -17.67
C33 FSC E . -8.13 2.47 -17.60
O39 FSC E . -8.49 3.01 -16.37
C28 FSC E . -8.64 3.37 -18.70
O34 FSC E . -10.07 3.25 -18.68
C40 FSC E . -10.78 4.36 -18.53
O43 FSC E . -11.32 4.94 -19.41
C42 FSC E . -10.81 4.75 -17.10
C21 FSC E . -8.12 2.88 -20.01
O29 FSC E . -8.67 3.63 -21.09
C35 FSC E . -6.14 1.20 -16.78
O41 FSC E . -6.52 -0.02 -17.33
C44 FSC E . -6.66 -1.11 -16.40
C47 FSC E . -7.75 -0.71 -15.42
C46 FSC E . -5.39 -1.52 -15.67
C45 FSC E . -7.12 -2.37 -17.10
C48 FSC E . -7.89 -3.25 -16.57
#